data_7Q96
#
_entry.id   7Q96
#
_cell.length_a   75.868
_cell.length_b   75.848
_cell.length_c   204.332
_cell.angle_alpha   90.000
_cell.angle_beta   90.000
_cell.angle_gamma   90.000
#
_symmetry.space_group_name_H-M   'P 21 21 21'
#
loop_
_entity.id
_entity.type
_entity.pdbx_description
1 polymer 'Kelch-like ECH-associated protein 1'
2 non-polymer '4-[(5S,8R)-5-(dimethylcarbamoyl)-8-[[(2S)-1-ethanoylpyrrolidin-2-yl]carbonylamino]-7,11-bis(oxidanylidene)-10-oxa-3-thia-6-azabicyclo[10.4.0]hexadeca-1(16),12,14-trien-16-yl]benzoic acid'
3 non-polymer 'CHLORIDE ION'
4 water water
#
_entity_poly.entity_id   1
_entity_poly.type   'polypeptide(L)'
_entity_poly.pdbx_seq_one_letter_code
;PRGSAGAPKVGRLIYTAGGYFRQSLSYLEAYNPSDGTWLRLADLQVPRSGLAGCVVGGLLYAVGGRNNSPDGNTDSSALD
CYNPMTNQWSPCAPMSVPRNRIGVGVIDGHIYAVGGSHGCIHHNSVERYEPERDEWHLVAPMLTRRIGVGVAVLNRLLYA
VGGFDGTNRLNSAECYYPERNEWRMITAMNTIRSGAGVCVLHNCIYAAGGYDGQDQLNSVERYDVATATWTFVAPMKHRR
SALGITVHQGRIYVLGGYDGHTFLDSVECYDPDTDTWSEVTRMTSGRSGVGVAVT
;
_entity_poly.pdbx_strand_id   A,B
#
loop_
_chem_comp.id
_chem_comp.type
_chem_comp.name
_chem_comp.formula
9P0 non-polymer '4-[(5S,8R)-5-(dimethylcarbamoyl)-8-[[(2S)-1-ethanoylpyrrolidin-2-yl]carbonylamino]-7,11-bis(oxidanylidene)-10-oxa-3-thia-6-azabicyclo[10.4.0]hexadeca-1(16),12,14-trien-16-yl]benzoic acid' 'C30 H34 N4 O8 S'
CL non-polymer 'CHLORIDE ION' 'Cl -1'
#
# COMPACT_ATOMS: atom_id res chain seq x y z
N GLY A 11 -31.19 -2.34 21.80
CA GLY A 11 -30.23 -1.31 21.41
C GLY A 11 -29.33 -1.71 20.23
N ARG A 12 -29.11 -0.77 19.30
CA ARG A 12 -28.27 -1.03 18.14
C ARG A 12 -26.93 -0.32 18.29
N LEU A 13 -25.88 -0.88 17.68
CA LEU A 13 -24.55 -0.29 17.74
C LEU A 13 -24.05 0.11 16.37
N ILE A 14 -23.14 1.10 16.34
CA ILE A 14 -22.51 1.53 15.10
C ILE A 14 -21.19 0.79 15.06
N TYR A 15 -21.00 -0.10 14.09
CA TYR A 15 -19.79 -0.89 13.93
C TYR A 15 -18.85 -0.24 12.96
N THR A 16 -17.57 -0.18 13.31
CA THR A 16 -16.55 0.34 12.42
C THR A 16 -15.51 -0.76 12.24
N ALA A 17 -15.23 -1.14 11.00
CA ALA A 17 -14.31 -2.22 10.68
C ALA A 17 -13.19 -1.76 9.79
N GLY A 18 -11.98 -2.17 10.12
CA GLY A 18 -10.80 -1.82 9.34
C GLY A 18 -10.43 -0.35 9.38
N GLY A 19 -9.86 0.12 8.28
CA GLY A 19 -9.42 1.49 8.16
C GLY A 19 -7.92 1.59 7.90
N TYR A 20 -7.39 2.81 7.93
CA TYR A 20 -6.01 3.05 7.62
C TYR A 20 -5.43 4.11 8.53
N PHE A 21 -4.26 3.86 9.06
CA PHE A 21 -3.49 4.81 9.83
C PHE A 21 -2.06 4.33 9.69
N ARG A 22 -1.29 4.88 8.76
CA ARG A 22 0.08 4.46 8.45
C ARG A 22 0.14 3.12 7.69
N GLN A 23 -0.88 2.27 7.87
CA GLN A 23 -1.07 0.97 7.22
C GLN A 23 -2.52 0.56 7.44
N SER A 24 -3.00 -0.42 6.70
CA SER A 24 -4.36 -0.91 6.89
C SER A 24 -4.52 -1.54 8.28
N LEU A 25 -5.71 -1.41 8.84
CA LEU A 25 -6.00 -1.85 10.20
C LEU A 25 -6.98 -3.02 10.27
N SER A 26 -6.93 -3.74 11.38
CA SER A 26 -7.79 -4.90 11.64
C SER A 26 -8.92 -4.61 12.64
N TYR A 27 -8.95 -3.42 13.22
CA TYR A 27 -9.93 -3.08 14.23
C TYR A 27 -11.36 -3.33 13.86
N LEU A 28 -12.12 -3.85 14.80
CA LEU A 28 -13.55 -3.93 14.73
C LEU A 28 -13.97 -3.35 16.05
N GLU A 29 -14.67 -2.22 16.02
CA GLU A 29 -15.10 -1.55 17.25
C GLU A 29 -16.53 -1.13 17.11
N ALA A 30 -17.29 -1.11 18.20
CA ALA A 30 -18.69 -0.73 18.13
C ALA A 30 -19.02 0.38 19.11
N TYR A 31 -19.73 1.39 18.65
CA TYR A 31 -20.09 2.53 19.47
C TYR A 31 -21.54 2.44 19.84
N ASN A 32 -21.84 2.71 21.11
CA ASN A 32 -23.23 2.72 21.57
C ASN A 32 -23.65 4.17 21.76
N PRO A 33 -24.48 4.71 20.84
CA PRO A 33 -24.89 6.12 20.97
C PRO A 33 -25.68 6.42 22.24
N SER A 34 -26.29 5.40 22.86
CA SER A 34 -27.08 5.63 24.07
C SER A 34 -26.25 5.93 25.31
N ASP A 35 -25.01 5.40 25.40
CA ASP A 35 -24.20 5.65 26.58
C ASP A 35 -22.76 6.12 26.30
N GLY A 36 -22.40 6.31 25.02
CA GLY A 36 -21.10 6.80 24.61
C GLY A 36 -19.96 5.82 24.77
N THR A 37 -20.26 4.53 24.97
CA THR A 37 -19.18 3.55 25.13
C THR A 37 -18.75 2.95 23.82
N TRP A 38 -17.49 2.54 23.76
CA TRP A 38 -16.87 1.88 22.62
C TRP A 38 -16.51 0.47 23.05
N LEU A 39 -16.78 -0.52 22.21
CA LEU A 39 -16.49 -1.92 22.49
C LEU A 39 -15.37 -2.35 21.56
N ARG A 40 -14.31 -3.01 22.07
CA ARG A 40 -13.26 -3.53 21.20
C ARG A 40 -13.65 -4.99 20.86
N LEU A 41 -14.06 -5.24 19.62
CA LEU A 41 -14.47 -6.58 19.23
C LEU A 41 -13.34 -7.34 18.53
N ALA A 42 -13.60 -8.58 18.08
CA ALA A 42 -12.58 -9.40 17.45
C ALA A 42 -12.06 -8.77 16.19
N ASP A 43 -10.75 -8.69 16.08
CA ASP A 43 -10.09 -8.13 14.90
C ASP A 43 -10.41 -8.93 13.64
N LEU A 44 -10.44 -8.24 12.48
CA LEU A 44 -10.51 -8.84 11.15
C LEU A 44 -9.28 -9.77 10.99
N GLN A 45 -9.45 -10.88 10.30
CA GLN A 45 -8.37 -11.82 10.05
C GLN A 45 -7.30 -11.24 9.14
N VAL A 46 -7.69 -10.38 8.20
CA VAL A 46 -6.77 -9.69 7.28
C VAL A 46 -7.05 -8.18 7.41
N PRO A 47 -6.01 -7.35 7.67
CA PRO A 47 -6.25 -5.90 7.79
C PRO A 47 -6.74 -5.32 6.48
N ARG A 48 -7.62 -4.34 6.50
CA ARG A 48 -8.13 -3.76 5.28
C ARG A 48 -8.61 -2.35 5.43
N SER A 49 -8.40 -1.55 4.42
CA SER A 49 -8.88 -0.18 4.31
C SER A 49 -9.56 -0.07 2.94
N GLY A 50 -10.46 0.90 2.78
CA GLY A 50 -11.15 1.08 1.52
C GLY A 50 -12.19 0.00 1.29
N LEU A 51 -12.59 -0.68 2.37
CA LEU A 51 -13.62 -1.70 2.37
C LEU A 51 -14.95 -1.00 2.65
N ALA A 52 -16.06 -1.75 2.58
CA ALA A 52 -17.36 -1.23 2.91
C ALA A 52 -18.03 -2.26 3.82
N GLY A 53 -18.86 -1.78 4.75
CA GLY A 53 -19.58 -2.63 5.67
C GLY A 53 -21.05 -2.62 5.42
N CYS A 54 -21.73 -3.66 5.85
CA CYS A 54 -23.18 -3.74 5.72
C CYS A 54 -23.76 -4.84 6.61
N VAL A 55 -25.05 -4.78 6.89
CA VAL A 55 -25.67 -5.76 7.77
C VAL A 55 -26.77 -6.49 7.06
N VAL A 56 -26.76 -7.81 7.16
CA VAL A 56 -27.81 -8.62 6.57
C VAL A 56 -28.14 -9.70 7.58
N GLY A 57 -29.37 -9.69 8.07
CA GLY A 57 -29.84 -10.70 9.01
C GLY A 57 -29.06 -10.73 10.30
N GLY A 58 -28.74 -9.55 10.81
CA GLY A 58 -28.00 -9.45 12.05
C GLY A 58 -26.52 -9.77 11.93
N LEU A 59 -26.03 -10.10 10.70
CA LEU A 59 -24.61 -10.36 10.52
C LEU A 59 -23.96 -9.17 9.85
N LEU A 60 -22.74 -8.83 10.30
CA LEU A 60 -21.99 -7.73 9.75
C LEU A 60 -21.07 -8.27 8.65
N TYR A 61 -21.02 -7.61 7.51
CA TYR A 61 -20.16 -8.04 6.42
C TYR A 61 -19.10 -7.01 6.10
N ALA A 62 -17.86 -7.44 5.87
CA ALA A 62 -16.77 -6.54 5.46
C ALA A 62 -16.46 -6.98 4.04
N VAL A 63 -16.61 -6.06 3.10
CA VAL A 63 -16.48 -6.37 1.68
C VAL A 63 -15.29 -5.62 1.06
N GLY A 64 -14.42 -6.34 0.35
CA GLY A 64 -13.33 -5.74 -0.39
C GLY A 64 -12.31 -4.93 0.39
N GLY A 65 -11.74 -3.94 -0.27
CA GLY A 65 -10.70 -3.12 0.33
C GLY A 65 -9.32 -3.50 -0.13
N ARG A 66 -8.31 -3.10 0.61
CA ARG A 66 -6.92 -3.37 0.29
C ARG A 66 -6.12 -3.41 1.58
N ASN A 67 -5.13 -4.30 1.62
CA ASN A 67 -4.23 -4.37 2.76
C ASN A 67 -2.98 -3.66 2.33
N ASN A 68 -2.79 -2.45 2.82
CA ASN A 68 -1.58 -1.68 2.58
C ASN A 68 -0.73 -1.92 3.78
N SER A 69 0.40 -2.51 3.56
CA SER A 69 1.38 -2.83 4.60
C SER A 69 2.73 -2.20 4.17
N PRO A 70 3.61 -1.78 5.11
CA PRO A 70 4.87 -1.16 4.71
C PRO A 70 5.80 -2.05 3.87
N ASP A 71 5.40 -3.31 3.61
CA ASP A 71 6.19 -4.17 2.74
C ASP A 71 5.42 -4.69 1.50
N GLY A 72 4.21 -4.18 1.25
CA GLY A 72 3.45 -4.61 0.10
C GLY A 72 1.99 -4.38 0.27
N ASN A 73 1.31 -4.10 -0.86
CA ASN A 73 -0.11 -3.81 -0.89
C ASN A 73 -0.85 -4.91 -1.61
N THR A 74 -2.01 -5.33 -1.10
CA THR A 74 -2.81 -6.35 -1.78
C THR A 74 -4.26 -5.93 -1.85
N ASP A 75 -4.84 -5.83 -3.06
CA ASP A 75 -6.28 -5.54 -3.18
C ASP A 75 -7.05 -6.81 -2.73
N SER A 76 -8.20 -6.62 -2.09
CA SER A 76 -8.98 -7.73 -1.57
C SER A 76 -10.27 -7.98 -2.37
N SER A 77 -10.55 -9.25 -2.65
CA SER A 77 -11.82 -9.71 -3.20
C SER A 77 -12.65 -10.43 -2.09
N ALA A 78 -12.22 -10.36 -0.84
CA ALA A 78 -12.85 -11.06 0.26
C ALA A 78 -14.18 -10.49 0.75
N LEU A 79 -15.01 -11.39 1.24
CA LEU A 79 -16.24 -11.09 1.92
C LEU A 79 -16.12 -11.84 3.23
N ASP A 80 -16.16 -11.12 4.34
CA ASP A 80 -16.04 -11.74 5.64
C ASP A 80 -17.24 -11.38 6.46
N CYS A 81 -17.67 -12.32 7.26
CA CYS A 81 -18.88 -12.20 8.04
C CYS A 81 -18.63 -12.24 9.51
N TYR A 82 -19.10 -11.24 10.25
CA TYR A 82 -18.94 -11.18 11.70
C TYR A 82 -20.28 -11.44 12.39
N ASN A 83 -20.30 -12.35 13.35
CA ASN A 83 -21.51 -12.63 14.11
C ASN A 83 -21.38 -12.00 15.51
N PRO A 84 -22.17 -10.97 15.81
CA PRO A 84 -22.04 -10.31 17.12
C PRO A 84 -22.31 -11.20 18.31
N MET A 85 -23.10 -12.25 18.12
CA MET A 85 -23.41 -13.17 19.21
C MET A 85 -22.24 -14.06 19.56
N THR A 86 -21.39 -14.39 18.58
CA THR A 86 -20.23 -15.26 18.83
C THR A 86 -18.91 -14.53 18.88
N ASN A 87 -18.87 -13.26 18.45
CA ASN A 87 -17.66 -12.45 18.36
C ASN A 87 -16.62 -13.13 17.45
N GLN A 88 -17.10 -13.72 16.35
CA GLN A 88 -16.24 -14.45 15.43
C GLN A 88 -16.44 -14.03 13.98
N TRP A 89 -15.34 -13.88 13.25
CA TRP A 89 -15.35 -13.60 11.82
C TRP A 89 -15.26 -14.95 11.08
N SER A 90 -15.97 -15.06 9.98
CA SER A 90 -15.95 -16.26 9.14
C SER A 90 -15.79 -15.81 7.73
N PRO A 91 -14.94 -16.47 6.95
CA PRO A 91 -14.83 -16.11 5.54
C PRO A 91 -16.06 -16.55 4.75
N CYS A 92 -16.45 -15.76 3.77
CA CYS A 92 -17.55 -16.10 2.87
C CYS A 92 -16.96 -16.25 1.46
N ALA A 93 -17.80 -16.56 0.47
CA ALA A 93 -17.33 -16.67 -0.91
C ALA A 93 -16.74 -15.33 -1.37
N PRO A 94 -15.56 -15.36 -2.01
CA PRO A 94 -14.98 -14.10 -2.48
C PRO A 94 -15.65 -13.61 -3.77
N MET A 95 -15.50 -12.32 -4.06
CA MET A 95 -16.02 -11.70 -5.27
C MET A 95 -15.22 -12.17 -6.49
N SER A 96 -15.72 -11.90 -7.69
CA SER A 96 -15.04 -12.28 -8.93
C SER A 96 -13.70 -11.54 -9.09
N VAL A 97 -13.59 -10.31 -8.54
CA VAL A 97 -12.41 -9.49 -8.69
C VAL A 97 -12.16 -8.74 -7.39
N PRO A 98 -10.89 -8.42 -7.10
CA PRO A 98 -10.61 -7.58 -5.93
C PRO A 98 -11.22 -6.18 -6.14
N ARG A 99 -11.78 -5.57 -5.09
CA ARG A 99 -12.37 -4.23 -5.21
C ARG A 99 -11.96 -3.34 -4.06
N ASN A 100 -10.96 -2.50 -4.26
CA ASN A 100 -10.54 -1.54 -3.23
C ASN A 100 -11.36 -0.26 -3.44
N ARG A 101 -11.57 0.58 -2.40
CA ARG A 101 -12.34 1.82 -2.56
C ARG A 101 -13.74 1.51 -3.13
N ILE A 102 -14.39 0.47 -2.57
CA ILE A 102 -15.66 -0.08 -3.01
C ILE A 102 -16.87 0.64 -2.38
N GLY A 103 -18.03 0.48 -2.98
CA GLY A 103 -19.30 0.95 -2.47
C GLY A 103 -20.23 -0.25 -2.32
N VAL A 104 -21.08 -0.28 -1.29
CA VAL A 104 -21.95 -1.45 -1.05
C VAL A 104 -23.38 -1.01 -0.73
N GLY A 105 -24.36 -1.74 -1.22
CA GLY A 105 -25.76 -1.48 -0.94
C GLY A 105 -26.50 -2.78 -0.76
N VAL A 106 -27.53 -2.81 0.08
CA VAL A 106 -28.29 -4.04 0.32
C VAL A 106 -29.71 -3.88 -0.14
N ILE A 107 -30.20 -4.82 -0.97
CA ILE A 107 -31.59 -4.83 -1.40
C ILE A 107 -32.12 -6.25 -1.17
N ASP A 108 -33.20 -6.38 -0.38
CA ASP A 108 -33.80 -7.68 -0.11
C ASP A 108 -32.81 -8.75 0.42
N GLY A 109 -31.91 -8.34 1.30
CA GLY A 109 -30.95 -9.26 1.88
C GLY A 109 -29.88 -9.73 0.94
N HIS A 110 -29.63 -8.98 -0.15
CA HIS A 110 -28.59 -9.26 -1.13
C HIS A 110 -27.62 -8.12 -1.14
N ILE A 111 -26.33 -8.43 -1.14
CA ILE A 111 -25.29 -7.40 -1.11
C ILE A 111 -24.80 -7.05 -2.51
N TYR A 112 -24.84 -5.80 -2.87
CA TYR A 112 -24.33 -5.34 -4.14
C TYR A 112 -22.98 -4.69 -3.88
N ALA A 113 -21.92 -5.20 -4.53
CA ALA A 113 -20.55 -4.70 -4.49
C ALA A 113 -20.37 -3.90 -5.79
N VAL A 114 -20.17 -2.58 -5.65
CA VAL A 114 -20.14 -1.66 -6.76
C VAL A 114 -18.78 -1.08 -7.04
N GLY A 115 -18.33 -1.18 -8.28
CA GLY A 115 -17.07 -0.58 -8.70
C GLY A 115 -15.84 -0.95 -7.89
N GLY A 116 -15.02 0.05 -7.60
CA GLY A 116 -13.77 -0.15 -6.88
C GLY A 116 -12.63 -0.34 -7.84
N SER A 117 -11.40 -0.48 -7.31
CA SER A 117 -10.21 -0.67 -8.12
C SER A 117 -9.51 -1.97 -7.87
N HIS A 118 -8.68 -2.40 -8.84
CA HIS A 118 -7.81 -3.55 -8.72
C HIS A 118 -6.58 -3.14 -9.49
N GLY A 119 -5.58 -2.64 -8.78
CA GLY A 119 -4.36 -2.13 -9.40
C GLY A 119 -4.62 -1.01 -10.38
N CYS A 120 -4.31 -1.25 -11.67
CA CYS A 120 -4.54 -0.23 -12.68
C CYS A 120 -6.00 -0.21 -13.20
N ILE A 121 -6.90 -1.03 -12.65
CA ILE A 121 -8.24 -1.15 -13.19
C ILE A 121 -9.26 -0.44 -12.36
N HIS A 122 -10.10 0.39 -12.99
CA HIS A 122 -11.20 1.07 -12.31
C HIS A 122 -12.46 0.36 -12.80
N HIS A 123 -13.12 -0.37 -11.91
CA HIS A 123 -14.28 -1.15 -12.29
C HIS A 123 -15.54 -0.37 -12.58
N ASN A 124 -16.24 -0.80 -13.62
CA ASN A 124 -17.62 -0.41 -13.83
C ASN A 124 -18.55 -1.63 -13.44
N SER A 125 -17.98 -2.85 -13.28
CA SER A 125 -18.70 -4.05 -12.92
C SER A 125 -19.32 -3.99 -11.54
N VAL A 126 -20.43 -4.69 -11.40
CA VAL A 126 -21.22 -4.77 -10.19
C VAL A 126 -21.58 -6.25 -10.00
N GLU A 127 -21.49 -6.75 -8.76
CA GLU A 127 -21.90 -8.10 -8.47
C GLU A 127 -22.77 -8.17 -7.22
N ARG A 128 -23.58 -9.22 -7.14
CA ARG A 128 -24.56 -9.41 -6.08
C ARG A 128 -24.32 -10.70 -5.32
N TYR A 129 -24.33 -10.61 -4.00
CA TYR A 129 -24.13 -11.76 -3.15
C TYR A 129 -25.44 -12.22 -2.57
N GLU A 130 -25.67 -13.53 -2.62
CA GLU A 130 -26.83 -14.18 -2.03
C GLU A 130 -26.37 -14.96 -0.77
N PRO A 131 -26.61 -14.43 0.44
CA PRO A 131 -26.18 -15.14 1.66
C PRO A 131 -26.75 -16.55 1.82
N GLU A 132 -27.99 -16.78 1.38
CA GLU A 132 -28.61 -18.10 1.49
C GLU A 132 -27.87 -19.16 0.66
N ARG A 133 -27.28 -18.77 -0.46
CA ARG A 133 -26.55 -19.70 -1.32
C ARG A 133 -25.03 -19.61 -1.19
N ASP A 134 -24.51 -18.54 -0.55
CA ASP A 134 -23.10 -18.19 -0.43
C ASP A 134 -22.48 -18.07 -1.83
N GLU A 135 -23.12 -17.28 -2.71
CA GLU A 135 -22.64 -17.12 -4.08
C GLU A 135 -22.67 -15.67 -4.52
N TRP A 136 -21.73 -15.30 -5.41
CA TRP A 136 -21.71 -14.00 -6.05
C TRP A 136 -22.09 -14.20 -7.53
N HIS A 137 -22.79 -13.23 -8.10
CA HIS A 137 -23.13 -13.27 -9.52
C HIS A 137 -23.05 -11.85 -10.05
N LEU A 138 -22.49 -11.67 -11.25
CA LEU A 138 -22.40 -10.34 -11.82
C LEU A 138 -23.78 -9.88 -12.28
N VAL A 139 -24.06 -8.58 -12.12
CA VAL A 139 -25.27 -7.98 -12.65
C VAL A 139 -24.86 -6.96 -13.76
N ALA A 140 -25.76 -6.14 -14.32
CA ALA A 140 -25.37 -5.18 -15.37
C ALA A 140 -24.33 -4.19 -14.81
N PRO A 141 -23.24 -3.94 -15.57
CA PRO A 141 -22.25 -2.97 -15.09
C PRO A 141 -22.79 -1.53 -15.19
N MET A 142 -22.20 -0.64 -14.41
CA MET A 142 -22.53 0.76 -14.43
C MET A 142 -22.18 1.37 -15.78
N LEU A 143 -22.77 2.52 -16.06
CA LEU A 143 -22.46 3.28 -17.26
C LEU A 143 -21.03 3.89 -17.16
N THR A 144 -20.56 4.17 -15.94
CA THR A 144 -19.28 4.79 -15.70
C THR A 144 -18.43 3.93 -14.75
N ARG A 145 -17.11 3.85 -14.98
CA ARG A 145 -16.20 3.18 -14.06
C ARG A 145 -16.11 4.06 -12.80
N ARG A 146 -16.27 3.51 -11.60
CA ARG A 146 -16.23 4.33 -10.39
C ARG A 146 -15.49 3.66 -9.26
N ILE A 147 -14.42 4.30 -8.78
CA ILE A 147 -13.71 3.91 -7.56
C ILE A 147 -14.05 5.01 -6.54
N GLY A 148 -14.05 4.69 -5.26
CA GLY A 148 -14.41 5.65 -4.22
C GLY A 148 -15.85 6.14 -4.39
N VAL A 149 -16.72 5.26 -4.86
CA VAL A 149 -18.13 5.50 -5.17
C VAL A 149 -18.97 5.37 -3.91
N GLY A 150 -19.97 6.25 -3.78
CA GLY A 150 -20.89 6.22 -2.68
C GLY A 150 -22.12 5.46 -3.13
N VAL A 151 -22.65 4.55 -2.30
CA VAL A 151 -23.79 3.75 -2.70
C VAL A 151 -24.92 3.89 -1.73
N ALA A 152 -26.16 4.01 -2.21
CA ALA A 152 -27.31 4.19 -1.33
C ALA A 152 -28.50 3.47 -1.92
N VAL A 153 -29.32 2.85 -1.06
CA VAL A 153 -30.50 2.14 -1.54
C VAL A 153 -31.72 2.95 -1.19
N LEU A 154 -32.52 3.32 -2.19
CA LEU A 154 -33.69 4.13 -1.97
C LEU A 154 -34.77 3.65 -2.92
N ASN A 155 -36.00 3.44 -2.42
CA ASN A 155 -37.10 2.96 -3.25
C ASN A 155 -36.78 1.66 -3.98
N ARG A 156 -35.97 0.78 -3.35
CA ARG A 156 -35.56 -0.50 -3.92
C ARG A 156 -34.74 -0.35 -5.22
N LEU A 157 -34.07 0.78 -5.36
CA LEU A 157 -33.15 1.11 -6.44
C LEU A 157 -31.78 1.32 -5.76
N LEU A 158 -30.72 1.04 -6.49
CA LEU A 158 -29.37 1.18 -5.97
C LEU A 158 -28.73 2.37 -6.67
N TYR A 159 -28.33 3.38 -5.91
CA TYR A 159 -27.71 4.58 -6.48
C TYR A 159 -26.18 4.54 -6.31
N ALA A 160 -25.45 4.83 -7.37
CA ALA A 160 -23.98 4.92 -7.38
C ALA A 160 -23.70 6.40 -7.59
N VAL A 161 -23.06 7.04 -6.61
CA VAL A 161 -22.86 8.47 -6.57
C VAL A 161 -21.39 8.88 -6.56
N GLY A 162 -21.01 9.73 -7.50
CA GLY A 162 -19.65 10.24 -7.56
C GLY A 162 -18.59 9.19 -7.79
N GLY A 163 -17.38 9.45 -7.29
CA GLY A 163 -16.24 8.57 -7.44
C GLY A 163 -15.19 9.12 -8.38
N PHE A 164 -14.34 8.25 -8.89
CA PHE A 164 -13.26 8.61 -9.80
C PHE A 164 -13.20 7.52 -10.85
N ASP A 165 -13.19 7.90 -12.12
CA ASP A 165 -13.22 6.93 -13.20
C ASP A 165 -11.85 6.56 -13.78
N GLY A 166 -10.78 7.06 -13.19
CA GLY A 166 -9.44 6.82 -13.69
C GLY A 166 -8.85 8.04 -14.35
N THR A 167 -9.70 9.02 -14.71
CA THR A 167 -9.22 10.25 -15.35
C THR A 167 -9.78 11.47 -14.63
N ASN A 168 -11.07 11.43 -14.30
CA ASN A 168 -11.71 12.56 -13.65
C ASN A 168 -12.47 12.14 -12.43
N ARG A 169 -12.50 13.02 -11.42
CA ARG A 169 -13.34 12.84 -10.27
C ARG A 169 -14.74 13.22 -10.74
N LEU A 170 -15.75 12.55 -10.20
CA LEU A 170 -17.09 12.68 -10.71
C LEU A 170 -18.09 13.38 -9.84
N ASN A 171 -18.97 14.14 -10.47
CA ASN A 171 -20.15 14.69 -9.80
C ASN A 171 -21.42 13.92 -10.27
N SER A 172 -21.31 13.09 -11.34
CA SER A 172 -22.39 12.29 -11.87
C SER A 172 -22.84 11.18 -10.89
N ALA A 173 -24.07 10.72 -11.10
CA ALA A 173 -24.67 9.66 -10.31
C ALA A 173 -25.60 8.86 -11.21
N GLU A 174 -25.74 7.58 -10.90
CA GLU A 174 -26.59 6.70 -11.69
C GLU A 174 -27.38 5.76 -10.79
N CYS A 175 -28.42 5.20 -11.34
CA CYS A 175 -29.41 4.42 -10.64
C CYS A 175 -29.56 3.05 -11.26
N TYR A 176 -29.59 2.00 -10.46
CA TYR A 176 -29.76 0.63 -10.93
C TYR A 176 -31.14 0.16 -10.58
N TYR A 177 -31.82 -0.47 -11.54
CA TYR A 177 -33.16 -1.02 -11.42
C TYR A 177 -33.03 -2.54 -11.34
N PRO A 178 -33.06 -3.15 -10.15
CA PRO A 178 -32.85 -4.60 -10.06
C PRO A 178 -33.80 -5.47 -10.87
N GLU A 179 -35.07 -5.09 -10.96
CA GLU A 179 -36.03 -5.85 -11.72
C GLU A 179 -35.75 -5.81 -13.22
N ARG A 180 -35.25 -4.68 -13.72
CA ARG A 180 -34.98 -4.54 -15.14
C ARG A 180 -33.52 -4.87 -15.51
N ASN A 181 -32.62 -4.99 -14.51
CA ASN A 181 -31.19 -5.22 -14.65
C ASN A 181 -30.59 -4.14 -15.54
N GLU A 182 -30.72 -2.88 -15.14
CA GLU A 182 -30.23 -1.79 -15.96
C GLU A 182 -29.94 -0.53 -15.18
N TRP A 183 -28.97 0.25 -15.68
CA TRP A 183 -28.54 1.50 -15.07
C TRP A 183 -29.02 2.68 -15.87
N ARG A 184 -29.31 3.79 -15.18
CA ARG A 184 -29.75 5.04 -15.82
C ARG A 184 -29.06 6.21 -15.11
N MET A 185 -28.62 7.24 -15.86
CA MET A 185 -28.01 8.40 -15.23
C MET A 185 -29.12 9.21 -14.52
N ILE A 186 -28.83 9.76 -13.34
CA ILE A 186 -29.77 10.64 -12.64
C ILE A 186 -29.14 12.07 -12.62
N THR A 187 -29.79 13.06 -11.95
CA THR A 187 -29.23 14.41 -11.82
C THR A 187 -27.86 14.36 -11.12
N ALA A 188 -26.85 15.00 -11.71
CA ALA A 188 -25.52 15.05 -11.13
C ALA A 188 -25.52 16.01 -9.93
N MET A 189 -24.63 15.76 -8.97
CA MET A 189 -24.47 16.59 -7.80
C MET A 189 -23.95 17.97 -8.18
N ASN A 190 -24.07 18.93 -7.25
CA ASN A 190 -23.52 20.26 -7.45
C ASN A 190 -21.99 20.24 -7.32
N THR A 191 -21.42 19.27 -6.59
CA THR A 191 -19.98 19.18 -6.37
C THR A 191 -19.41 17.85 -6.84
N ILE A 192 -18.20 17.87 -7.40
CA ILE A 192 -17.46 16.67 -7.75
C ILE A 192 -17.04 16.04 -6.40
N ARG A 193 -17.35 14.78 -6.18
CA ARG A 193 -16.99 14.12 -4.93
C ARG A 193 -16.51 12.71 -5.20
N SER A 194 -15.32 12.41 -4.71
CA SER A 194 -14.70 11.10 -4.81
C SER A 194 -14.36 10.71 -3.36
N GLY A 195 -14.86 9.57 -2.88
CA GLY A 195 -14.59 9.16 -1.51
C GLY A 195 -15.44 9.91 -0.50
N ALA A 196 -16.71 10.16 -0.87
CA ALA A 196 -17.69 10.80 -0.01
C ALA A 196 -18.43 9.75 0.83
N GLY A 197 -19.12 10.16 1.88
CA GLY A 197 -19.99 9.30 2.65
C GLY A 197 -21.38 9.45 2.06
N VAL A 198 -21.95 8.37 1.50
CA VAL A 198 -23.28 8.44 0.91
C VAL A 198 -24.21 7.55 1.70
N CYS A 199 -25.39 8.06 2.06
CA CYS A 199 -26.36 7.30 2.86
C CYS A 199 -27.77 7.81 2.57
N VAL A 200 -28.82 7.14 3.12
CA VAL A 200 -30.18 7.61 2.92
C VAL A 200 -30.84 7.86 4.28
N LEU A 201 -31.56 8.96 4.40
CA LEU A 201 -32.25 9.36 5.60
C LEU A 201 -33.53 10.08 5.18
N HIS A 202 -34.68 9.62 5.71
CA HIS A 202 -35.97 10.20 5.42
C HIS A 202 -36.24 10.39 3.91
N ASN A 203 -36.02 9.33 3.09
CA ASN A 203 -36.29 9.33 1.65
C ASN A 203 -35.41 10.32 0.82
N CYS A 204 -34.24 10.67 1.34
CA CYS A 204 -33.28 11.56 0.67
C CYS A 204 -31.94 10.88 0.66
N ILE A 205 -31.14 11.07 -0.40
CA ILE A 205 -29.79 10.53 -0.45
C ILE A 205 -28.87 11.66 -0.05
N TYR A 206 -28.02 11.45 0.95
CA TYR A 206 -27.06 12.48 1.37
C TYR A 206 -25.67 12.10 0.90
N ALA A 207 -24.91 13.09 0.41
CA ALA A 207 -23.53 12.90 0.00
C ALA A 207 -22.72 13.91 0.84
N ALA A 208 -21.90 13.39 1.76
CA ALA A 208 -21.14 14.22 2.67
C ALA A 208 -19.64 14.10 2.43
N GLY A 209 -18.96 15.24 2.34
CA GLY A 209 -17.53 15.23 2.18
C GLY A 209 -17.01 14.67 0.87
N GLY A 210 -15.81 14.13 0.92
CA GLY A 210 -15.16 13.59 -0.25
C GLY A 210 -14.00 14.43 -0.71
N TYR A 211 -13.50 14.15 -1.90
CA TYR A 211 -12.37 14.84 -2.50
C TYR A 211 -12.80 15.33 -3.87
N ASP A 212 -12.66 16.62 -4.14
CA ASP A 212 -13.08 17.20 -5.42
C ASP A 212 -11.97 17.28 -6.47
N GLY A 213 -10.81 16.70 -6.20
CA GLY A 213 -9.65 16.77 -7.09
C GLY A 213 -8.58 17.74 -6.61
N GLN A 214 -8.95 18.66 -5.72
CA GLN A 214 -8.03 19.64 -5.19
C GLN A 214 -8.01 19.58 -3.67
N ASP A 215 -9.20 19.51 -3.04
CA ASP A 215 -9.26 19.50 -1.58
C ASP A 215 -10.30 18.55 -1.05
N GLN A 216 -10.14 18.17 0.22
CA GLN A 216 -11.14 17.40 0.94
C GLN A 216 -12.28 18.38 1.25
N LEU A 217 -13.51 17.88 1.24
CA LEU A 217 -14.69 18.72 1.40
C LEU A 217 -15.35 18.57 2.73
N ASN A 218 -15.96 19.67 3.19
CA ASN A 218 -16.81 19.61 4.37
C ASN A 218 -18.30 19.82 3.98
N SER A 219 -18.60 20.19 2.72
CA SER A 219 -19.98 20.40 2.27
C SER A 219 -20.76 19.09 2.19
N VAL A 220 -22.08 19.20 2.35
CA VAL A 220 -23.00 18.07 2.36
C VAL A 220 -24.21 18.45 1.50
N GLU A 221 -24.62 17.57 0.58
CA GLU A 221 -25.80 17.83 -0.24
C GLU A 221 -26.76 16.64 -0.25
N ARG A 222 -28.07 16.87 -0.46
CA ARG A 222 -29.04 15.78 -0.49
C ARG A 222 -29.91 15.80 -1.74
N TYR A 223 -30.24 14.61 -2.22
CA TYR A 223 -31.03 14.42 -3.41
C TYR A 223 -32.48 14.15 -3.05
N ASP A 224 -33.38 15.02 -3.50
CA ASP A 224 -34.81 14.84 -3.29
C ASP A 224 -35.32 14.12 -4.54
N VAL A 225 -35.85 12.92 -4.38
CA VAL A 225 -36.31 12.11 -5.50
C VAL A 225 -37.52 12.76 -6.20
N ALA A 226 -38.43 13.38 -5.43
CA ALA A 226 -39.61 14.01 -6.02
C ALA A 226 -39.26 15.15 -6.97
N THR A 227 -38.30 16.00 -6.58
CA THR A 227 -37.91 17.13 -7.45
C THR A 227 -36.67 16.86 -8.29
N ALA A 228 -35.98 15.72 -8.08
CA ALA A 228 -34.75 15.34 -8.77
C ALA A 228 -33.68 16.43 -8.71
N THR A 229 -33.58 17.09 -7.55
CA THR A 229 -32.57 18.12 -7.35
C THR A 229 -31.69 17.77 -6.16
N TRP A 230 -30.47 18.28 -6.19
CA TRP A 230 -29.52 18.15 -5.10
C TRP A 230 -29.48 19.50 -4.41
N THR A 231 -29.56 19.53 -3.08
CA THR A 231 -29.53 20.79 -2.34
C THR A 231 -28.52 20.70 -1.22
N PHE A 232 -27.72 21.75 -1.02
CA PHE A 232 -26.77 21.78 0.07
C PHE A 232 -27.48 21.96 1.39
N VAL A 233 -27.00 21.24 2.40
CA VAL A 233 -27.46 21.38 3.78
C VAL A 233 -26.23 21.89 4.60
N ALA A 234 -26.33 22.01 5.93
CA ALA A 234 -25.22 22.46 6.76
C ALA A 234 -23.97 21.61 6.55
N PRO A 235 -22.80 22.27 6.39
CA PRO A 235 -21.55 21.51 6.22
C PRO A 235 -21.01 20.94 7.53
N MET A 236 -20.19 19.91 7.43
CA MET A 236 -19.55 19.32 8.60
C MET A 236 -18.53 20.29 9.18
N LYS A 237 -18.22 20.12 10.46
CA LYS A 237 -17.22 20.93 11.12
C LYS A 237 -15.84 20.62 10.51
N HIS A 238 -15.59 19.34 10.11
CA HIS A 238 -14.29 18.98 9.55
C HIS A 238 -14.34 18.52 8.11
N ARG A 239 -13.39 18.98 7.29
CA ARG A 239 -13.23 18.52 5.92
C ARG A 239 -12.75 17.06 6.00
N ARG A 240 -13.35 16.16 5.22
CA ARG A 240 -12.97 14.76 5.27
C ARG A 240 -13.32 13.99 4.02
N SER A 241 -12.39 13.15 3.59
CA SER A 241 -12.53 12.22 2.48
C SER A 241 -12.30 10.82 3.05
N ALA A 242 -12.80 9.76 2.40
CA ALA A 242 -12.67 8.39 2.90
C ALA A 242 -13.21 8.27 4.32
N LEU A 243 -14.36 8.87 4.54
CA LEU A 243 -15.05 8.84 5.81
C LEU A 243 -16.02 7.66 5.83
N GLY A 244 -16.35 7.22 7.03
CA GLY A 244 -17.37 6.20 7.23
C GLY A 244 -18.68 6.92 7.48
N ILE A 245 -19.80 6.31 7.09
CA ILE A 245 -21.10 6.94 7.27
C ILE A 245 -22.18 5.91 7.53
N THR A 246 -23.11 6.28 8.39
CA THR A 246 -24.25 5.43 8.69
C THR A 246 -25.39 6.27 9.27
N VAL A 247 -26.59 5.69 9.37
CA VAL A 247 -27.77 6.35 9.92
C VAL A 247 -28.22 5.56 11.15
N HIS A 248 -28.56 6.25 12.23
CA HIS A 248 -28.98 5.63 13.47
C HIS A 248 -29.99 6.54 14.11
N GLN A 249 -31.18 6.00 14.40
CA GLN A 249 -32.26 6.75 15.05
C GLN A 249 -32.52 8.11 14.42
N GLY A 250 -32.61 8.14 13.11
CA GLY A 250 -32.92 9.38 12.39
C GLY A 250 -31.82 10.42 12.30
N ARG A 251 -30.57 10.04 12.59
CA ARG A 251 -29.44 10.96 12.48
C ARG A 251 -28.32 10.33 11.68
N ILE A 252 -27.53 11.16 10.98
CA ILE A 252 -26.38 10.66 10.21
C ILE A 252 -25.14 10.72 11.07
N TYR A 253 -24.32 9.70 11.04
CA TYR A 253 -23.05 9.70 11.76
C TYR A 253 -21.92 9.57 10.72
N VAL A 254 -20.94 10.46 10.80
CA VAL A 254 -19.77 10.40 9.93
C VAL A 254 -18.58 10.10 10.83
N LEU A 255 -17.79 9.10 10.48
CA LEU A 255 -16.67 8.64 11.31
C LEU A 255 -15.34 8.75 10.59
N GLY A 256 -14.39 9.42 11.22
CA GLY A 256 -13.04 9.49 10.71
C GLY A 256 -12.91 10.08 9.32
N GLY A 257 -11.90 9.64 8.62
CA GLY A 257 -11.59 10.15 7.30
C GLY A 257 -10.23 10.81 7.28
N TYR A 258 -9.92 11.44 6.19
CA TYR A 258 -8.64 12.07 5.96
C TYR A 258 -8.91 13.52 5.55
N ASP A 259 -8.18 14.46 6.14
CA ASP A 259 -8.39 15.88 5.81
C ASP A 259 -7.22 16.47 4.99
N GLY A 260 -6.39 15.62 4.41
CA GLY A 260 -5.26 16.09 3.62
C GLY A 260 -3.93 15.99 4.33
N HIS A 261 -3.94 15.78 5.64
CA HIS A 261 -2.71 15.67 6.42
C HIS A 261 -2.88 14.72 7.58
N THR A 262 -4.06 14.74 8.20
CA THR A 262 -4.40 13.96 9.39
C THR A 262 -5.45 12.93 9.07
N PHE A 263 -5.40 11.83 9.81
CA PHE A 263 -6.37 10.78 9.80
C PHE A 263 -7.21 11.10 11.03
N LEU A 264 -8.46 11.52 10.81
CA LEU A 264 -9.37 11.97 11.86
C LEU A 264 -9.90 10.89 12.80
N ASP A 265 -10.06 11.23 14.08
CA ASP A 265 -10.76 10.38 15.05
C ASP A 265 -12.21 10.91 15.31
N SER A 266 -12.50 12.12 14.83
CA SER A 266 -13.76 12.81 14.98
C SER A 266 -14.97 12.05 14.45
N VAL A 267 -16.03 11.99 15.28
CA VAL A 267 -17.30 11.42 14.87
C VAL A 267 -18.33 12.53 14.98
N GLU A 268 -18.93 12.94 13.84
CA GLU A 268 -19.94 13.99 13.84
C GLU A 268 -21.31 13.39 13.59
N CYS A 269 -22.34 14.07 14.07
CA CYS A 269 -23.72 13.65 13.99
C CYS A 269 -24.61 14.75 13.40
N TYR A 270 -25.37 14.45 12.36
CA TYR A 270 -26.25 15.42 11.71
C TYR A 270 -27.69 15.21 12.17
N ASP A 271 -28.35 16.27 12.65
CA ASP A 271 -29.75 16.25 13.03
C ASP A 271 -30.52 16.96 11.92
N PRO A 272 -31.35 16.22 11.16
CA PRO A 272 -32.05 16.85 10.04
C PRO A 272 -33.12 17.85 10.46
N ASP A 273 -33.68 17.71 11.68
CA ASP A 273 -34.73 18.63 12.14
C ASP A 273 -34.20 20.02 12.44
N THR A 274 -32.96 20.10 12.94
CA THR A 274 -32.33 21.39 13.24
C THR A 274 -31.30 21.81 12.17
N ASP A 275 -30.95 20.91 11.20
CA ASP A 275 -29.95 21.16 10.16
C ASP A 275 -28.61 21.54 10.81
N THR A 276 -28.17 20.75 11.78
CA THR A 276 -26.91 21.02 12.48
C THR A 276 -26.09 19.75 12.65
N TRP A 277 -24.77 19.92 12.68
CA TRP A 277 -23.83 18.85 12.95
C TRP A 277 -23.22 19.10 14.33
N SER A 278 -22.83 18.03 15.02
CA SER A 278 -22.17 18.15 16.32
C SER A 278 -21.23 16.99 16.56
N GLU A 279 -20.12 17.25 17.26
CA GLU A 279 -19.17 16.21 17.58
C GLU A 279 -19.77 15.39 18.70
N VAL A 280 -19.92 14.08 18.51
CA VAL A 280 -20.56 13.25 19.53
C VAL A 280 -19.60 12.38 20.29
N THR A 281 -18.52 11.95 19.67
CA THR A 281 -17.52 11.09 20.28
C THR A 281 -16.25 11.12 19.40
N ARG A 282 -15.20 10.48 19.86
CA ARG A 282 -13.99 10.29 19.09
C ARG A 282 -13.77 8.79 19.04
N MET A 283 -13.24 8.30 17.92
CA MET A 283 -12.84 6.91 17.82
C MET A 283 -11.63 6.72 18.73
N THR A 284 -11.31 5.46 19.08
CA THR A 284 -10.16 5.21 19.96
C THR A 284 -8.85 5.73 19.34
N SER A 285 -8.78 5.81 17.99
CA SER A 285 -7.65 6.35 17.26
C SER A 285 -8.12 6.84 15.87
N GLY A 286 -7.41 7.81 15.32
CA GLY A 286 -7.72 8.35 14.00
C GLY A 286 -7.47 7.34 12.91
N ARG A 287 -8.37 7.31 11.91
CA ARG A 287 -8.25 6.40 10.79
C ARG A 287 -9.16 6.84 9.65
N SER A 288 -8.83 6.41 8.42
CA SER A 288 -9.65 6.67 7.22
C SER A 288 -10.00 5.35 6.53
N GLY A 289 -10.94 5.39 5.60
CA GLY A 289 -11.30 4.21 4.83
C GLY A 289 -11.87 3.07 5.61
N VAL A 290 -12.65 3.37 6.64
CA VAL A 290 -13.33 2.34 7.44
C VAL A 290 -14.60 1.85 6.74
N GLY A 291 -15.08 0.67 7.13
CA GLY A 291 -16.38 0.16 6.71
C GLY A 291 -17.32 0.34 7.89
N VAL A 292 -18.53 0.90 7.69
CA VAL A 292 -19.43 1.15 8.83
C VAL A 292 -20.80 0.54 8.59
N ALA A 293 -21.46 0.03 9.65
CA ALA A 293 -22.81 -0.53 9.57
C ALA A 293 -23.47 -0.51 10.94
N VAL A 294 -24.81 -0.57 11.01
CA VAL A 294 -25.54 -0.57 12.26
C VAL A 294 -26.36 -1.83 12.42
N THR A 295 -26.28 -2.48 13.59
CA THR A 295 -27.09 -3.65 13.97
C THR A 295 -27.13 -3.79 15.50
N GLY B 11 40.63 2.92 4.78
CA GLY B 11 39.44 2.37 5.41
C GLY B 11 38.15 2.65 4.66
N ARG B 12 37.25 1.69 4.59
CA ARG B 12 35.99 1.85 3.89
C ARG B 12 34.83 1.93 4.87
N LEU B 13 33.76 2.65 4.49
CA LEU B 13 32.60 2.79 5.35
C LEU B 13 31.36 2.21 4.71
N ILE B 14 30.40 1.82 5.56
CA ILE B 14 29.12 1.32 5.09
C ILE B 14 28.17 2.50 5.14
N TYR B 15 27.68 2.96 4.00
CA TYR B 15 26.79 4.11 3.90
C TYR B 15 25.35 3.66 3.86
N THR B 16 24.48 4.32 4.61
CA THR B 16 23.07 4.04 4.58
C THR B 16 22.36 5.35 4.24
N ALA B 17 21.55 5.35 3.18
CA ALA B 17 20.87 6.53 2.68
C ALA B 17 19.37 6.35 2.67
N GLY B 18 18.65 7.37 3.13
CA GLY B 18 17.21 7.35 3.16
C GLY B 18 16.62 6.33 4.12
N GLY B 19 15.47 5.80 3.74
CA GLY B 19 14.76 4.85 4.56
C GLY B 19 13.37 5.32 4.91
N TYR B 20 12.70 4.61 5.81
CA TYR B 20 11.34 4.92 6.17
C TYR B 20 11.16 4.58 7.62
N PHE B 21 10.48 5.47 8.34
CA PHE B 21 10.03 5.28 9.70
C PHE B 21 8.88 6.24 9.83
N ARG B 22 7.66 5.73 9.76
CA ARG B 22 6.41 6.52 9.78
C ARG B 22 6.22 7.37 8.50
N GLN B 23 7.34 7.76 7.86
CA GLN B 23 7.42 8.51 6.62
C GLN B 23 8.84 8.37 6.07
N SER B 24 9.06 8.73 4.78
CA SER B 24 10.38 8.63 4.15
C SER B 24 11.43 9.53 4.80
N LEU B 25 12.67 9.10 4.88
CA LEU B 25 13.72 9.84 5.58
C LEU B 25 14.79 10.45 4.67
N SER B 26 15.57 11.42 5.18
CA SER B 26 16.65 12.07 4.43
C SER B 26 18.05 11.68 4.91
N TYR B 27 18.15 10.91 5.99
CA TYR B 27 19.43 10.53 6.56
C TYR B 27 20.43 9.93 5.59
N LEU B 28 21.67 10.33 5.76
CA LEU B 28 22.80 9.72 5.13
C LEU B 28 23.74 9.53 6.29
N GLU B 29 24.04 8.28 6.63
CA GLU B 29 24.92 7.98 7.76
C GLU B 29 25.93 6.94 7.35
N ALA B 30 27.13 6.97 7.91
CA ALA B 30 28.14 5.99 7.55
C ALA B 30 28.70 5.30 8.77
N TYR B 31 28.79 3.97 8.71
CA TYR B 31 29.30 3.19 9.82
C TYR B 31 30.72 2.73 9.52
N ASN B 32 31.59 2.84 10.52
CA ASN B 32 32.96 2.36 10.39
C ASN B 32 33.09 1.06 11.16
N PRO B 33 33.14 -0.08 10.47
CA PRO B 33 33.24 -1.37 11.17
C PRO B 33 34.51 -1.52 12.01
N SER B 34 35.57 -0.75 11.72
CA SER B 34 36.81 -0.86 12.48
C SER B 34 36.73 -0.28 13.87
N ASP B 35 35.90 0.75 14.09
CA ASP B 35 35.82 1.36 15.43
C ASP B 35 34.40 1.54 15.99
N GLY B 36 33.40 1.09 15.25
CA GLY B 36 32.01 1.15 15.69
C GLY B 36 31.38 2.53 15.69
N THR B 37 32.02 3.51 15.03
CA THR B 37 31.44 4.85 15.01
C THR B 37 30.50 5.05 13.82
N TRP B 38 29.53 5.94 14.01
CA TRP B 38 28.57 6.33 13.01
C TRP B 38 28.81 7.82 12.70
N LEU B 39 28.81 8.18 11.44
CA LEU B 39 29.01 9.55 11.01
C LEU B 39 27.67 10.07 10.47
N ARG B 40 27.25 11.27 10.88
CA ARG B 40 26.04 11.87 10.34
C ARG B 40 26.47 12.74 9.15
N LEU B 41 26.19 12.30 7.93
CA LEU B 41 26.60 13.05 6.75
C LEU B 41 25.46 13.94 6.22
N ALA B 42 25.70 14.69 5.13
CA ALA B 42 24.72 15.60 4.59
C ALA B 42 23.46 14.87 4.15
N ASP B 43 22.31 15.33 4.61
CA ASP B 43 21.00 14.78 4.26
C ASP B 43 20.74 14.84 2.77
N LEU B 44 19.98 13.87 2.25
CA LEU B 44 19.43 13.85 0.90
C LEU B 44 18.56 15.10 0.71
N GLN B 45 18.57 15.68 -0.48
CA GLN B 45 17.77 16.87 -0.78
C GLN B 45 16.27 16.59 -0.72
N VAL B 46 15.85 15.37 -1.11
CA VAL B 46 14.46 14.92 -1.07
C VAL B 46 14.44 13.59 -0.30
N PRO B 47 13.58 13.45 0.74
CA PRO B 47 13.55 12.19 1.49
C PRO B 47 13.14 11.03 0.62
N ARG B 48 13.71 9.83 0.86
CA ARG B 48 13.38 8.68 0.02
C ARG B 48 13.47 7.35 0.73
N SER B 49 12.57 6.45 0.39
CA SER B 49 12.59 5.08 0.90
C SER B 49 12.36 4.14 -0.28
N GLY B 50 12.78 2.89 -0.18
CA GLY B 50 12.60 1.95 -1.29
C GLY B 50 13.55 2.22 -2.44
N LEU B 51 14.63 2.98 -2.17
CA LEU B 51 15.70 3.32 -3.09
C LEU B 51 16.78 2.25 -2.98
N ALA B 52 17.81 2.33 -3.84
CA ALA B 52 18.93 1.42 -3.78
C ALA B 52 20.20 2.27 -3.88
N GLY B 53 21.26 1.83 -3.23
CA GLY B 53 22.51 2.57 -3.24
C GLY B 53 23.59 1.79 -3.96
N CYS B 54 24.59 2.50 -4.44
CA CYS B 54 25.72 1.86 -5.11
C CYS B 54 26.88 2.83 -5.24
N VAL B 55 28.07 2.29 -5.46
CA VAL B 55 29.26 3.12 -5.58
C VAL B 55 29.93 2.97 -6.91
N VAL B 56 30.25 4.09 -7.55
CA VAL B 56 30.95 4.06 -8.81
C VAL B 56 32.02 5.16 -8.76
N GLY B 57 33.28 4.77 -8.84
CA GLY B 57 34.39 5.70 -8.81
C GLY B 57 34.47 6.52 -7.55
N GLY B 58 34.22 5.88 -6.41
CA GLY B 58 34.27 6.59 -5.14
C GLY B 58 33.06 7.49 -4.87
N LEU B 59 32.08 7.54 -5.79
CA LEU B 59 30.88 8.33 -5.57
C LEU B 59 29.72 7.44 -5.20
N LEU B 60 28.90 7.89 -4.23
CA LEU B 60 27.76 7.13 -3.78
C LEU B 60 26.55 7.59 -4.58
N TYR B 61 25.73 6.65 -5.07
CA TYR B 61 24.54 7.00 -5.82
C TYR B 61 23.28 6.53 -5.10
N ALA B 62 22.23 7.35 -5.06
CA ALA B 62 20.95 6.97 -4.50
C ALA B 62 20.02 6.94 -5.70
N VAL B 63 19.46 5.77 -5.98
CA VAL B 63 18.65 5.55 -7.18
C VAL B 63 17.19 5.25 -6.83
N GLY B 64 16.25 5.94 -7.48
CA GLY B 64 14.82 5.68 -7.30
C GLY B 64 14.23 5.76 -5.91
N GLY B 65 13.22 4.94 -5.65
CA GLY B 65 12.53 4.92 -4.37
C GLY B 65 11.22 5.70 -4.42
N ARG B 66 10.73 6.15 -3.28
CA ARG B 66 9.52 6.96 -3.20
C ARG B 66 9.58 7.89 -2.01
N ASN B 67 8.79 8.96 -2.08
CA ASN B 67 8.68 9.89 -0.98
C ASN B 67 7.29 9.69 -0.40
N ASN B 68 7.20 8.90 0.69
CA ASN B 68 5.92 8.69 1.34
C ASN B 68 5.89 9.53 2.59
N SER B 69 5.04 10.55 2.61
CA SER B 69 4.78 11.41 3.77
C SER B 69 3.28 11.23 4.13
N PRO B 70 2.82 11.62 5.33
CA PRO B 70 1.37 11.48 5.64
C PRO B 70 0.46 12.39 4.78
N ASP B 71 1.06 13.17 3.83
CA ASP B 71 0.25 14.03 2.96
C ASP B 71 0.46 13.76 1.45
N GLY B 72 1.19 12.70 1.12
CA GLY B 72 1.38 12.32 -0.27
C GLY B 72 2.39 11.23 -0.48
N ASN B 73 2.27 10.54 -1.58
CA ASN B 73 3.20 9.49 -1.95
C ASN B 73 3.65 9.80 -3.39
N THR B 74 4.97 9.90 -3.67
CA THR B 74 5.47 10.14 -5.03
C THR B 74 6.63 9.20 -5.33
N ASP B 75 6.42 8.28 -6.29
CA ASP B 75 7.48 7.37 -6.72
C ASP B 75 8.57 8.22 -7.44
N SER B 76 9.84 7.88 -7.25
CA SER B 76 10.97 8.67 -7.75
C SER B 76 11.74 8.08 -8.94
N SER B 77 12.10 8.94 -9.88
CA SER B 77 12.93 8.57 -11.01
C SER B 77 14.34 9.19 -10.86
N ALA B 78 14.65 9.83 -9.72
CA ALA B 78 15.91 10.50 -9.47
C ALA B 78 17.14 9.61 -9.27
N LEU B 79 18.28 10.16 -9.68
CA LEU B 79 19.58 9.60 -9.46
C LEU B 79 20.34 10.76 -8.82
N ASP B 80 20.81 10.56 -7.60
CA ASP B 80 21.55 11.59 -6.89
C ASP B 80 22.90 11.05 -6.52
N CYS B 81 23.89 11.91 -6.59
CA CYS B 81 25.26 11.55 -6.37
C CYS B 81 25.86 12.24 -5.15
N TYR B 82 26.42 11.47 -4.22
CA TYR B 82 27.06 12.02 -3.06
C TYR B 82 28.58 11.87 -3.16
N ASN B 83 29.32 12.96 -2.92
CA ASN B 83 30.78 12.91 -2.95
C ASN B 83 31.31 12.96 -1.51
N PRO B 84 31.91 11.86 -1.02
CA PRO B 84 32.38 11.85 0.38
C PRO B 84 33.43 12.88 0.69
N MET B 85 34.19 13.32 -0.32
CA MET B 85 35.23 14.31 -0.12
C MET B 85 34.66 15.71 0.08
N THR B 86 33.52 16.03 -0.52
CA THR B 86 32.90 17.35 -0.39
C THR B 86 31.70 17.39 0.54
N ASN B 87 31.15 16.21 0.91
CA ASN B 87 29.98 16.08 1.75
C ASN B 87 28.77 16.77 1.08
N GLN B 88 28.67 16.63 -0.24
CA GLN B 88 27.63 17.28 -1.02
C GLN B 88 26.90 16.32 -1.96
N TRP B 89 25.58 16.44 -2.04
CA TRP B 89 24.75 15.69 -2.98
C TRP B 89 24.56 16.53 -4.23
N SER B 90 24.57 15.90 -5.39
CA SER B 90 24.37 16.59 -6.67
C SER B 90 23.37 15.77 -7.45
N PRO B 91 22.39 16.42 -8.08
CA PRO B 91 21.45 15.67 -8.92
C PRO B 91 22.12 15.18 -10.19
N CYS B 92 21.73 13.99 -10.66
CA CYS B 92 22.20 13.43 -11.92
C CYS B 92 21.00 13.30 -12.85
N ALA B 93 21.22 12.79 -14.08
CA ALA B 93 20.13 12.59 -15.02
C ALA B 93 19.10 11.60 -14.43
N PRO B 94 17.80 11.91 -14.50
CA PRO B 94 16.80 10.98 -13.97
C PRO B 94 16.55 9.81 -14.93
N MET B 95 16.01 8.72 -14.40
CA MET B 95 15.63 7.54 -15.18
C MET B 95 14.43 7.83 -16.07
N SER B 96 14.14 6.94 -17.01
CA SER B 96 13.00 7.10 -17.91
C SER B 96 11.66 7.05 -17.15
N VAL B 97 11.63 6.29 -16.03
CA VAL B 97 10.42 6.09 -15.26
C VAL B 97 10.73 6.06 -13.79
N PRO B 98 9.72 6.41 -12.95
CA PRO B 98 9.92 6.32 -11.51
C PRO B 98 10.01 4.84 -11.12
N ARG B 99 10.90 4.50 -10.17
CA ARG B 99 11.10 3.12 -9.76
C ARG B 99 11.19 3.00 -8.25
N ASN B 100 10.09 2.67 -7.58
CA ASN B 100 10.07 2.44 -6.14
C ASN B 100 10.35 0.95 -5.90
N ARG B 101 11.00 0.56 -4.80
CA ARG B 101 11.34 -0.83 -4.52
C ARG B 101 12.21 -1.38 -5.66
N ILE B 102 13.19 -0.58 -6.05
CA ILE B 102 14.12 -0.86 -7.12
C ILE B 102 15.28 -1.78 -6.65
N GLY B 103 15.94 -2.41 -7.62
CA GLY B 103 17.14 -3.20 -7.43
C GLY B 103 18.24 -2.59 -8.28
N VAL B 104 19.50 -2.58 -7.82
CA VAL B 104 20.59 -1.93 -8.56
C VAL B 104 21.83 -2.80 -8.57
N GLY B 105 22.52 -2.83 -9.70
CA GLY B 105 23.76 -3.56 -9.83
C GLY B 105 24.74 -2.78 -10.67
N VAL B 106 26.05 -2.90 -10.40
CA VAL B 106 27.03 -2.17 -11.17
C VAL B 106 27.94 -3.13 -11.95
N ILE B 107 28.07 -2.89 -13.26
CA ILE B 107 28.99 -3.67 -14.09
C ILE B 107 29.83 -2.69 -14.89
N ASP B 108 31.16 -2.76 -14.74
CA ASP B 108 32.08 -1.88 -15.45
C ASP B 108 31.79 -0.38 -15.30
N GLY B 109 31.44 0.03 -14.09
CA GLY B 109 31.16 1.43 -13.80
C GLY B 109 29.87 1.94 -14.40
N HIS B 110 28.94 1.04 -14.72
CA HIS B 110 27.62 1.38 -15.26
C HIS B 110 26.57 0.88 -14.29
N ILE B 111 25.59 1.73 -13.99
CA ILE B 111 24.54 1.38 -13.04
C ILE B 111 23.31 0.80 -13.74
N TYR B 112 22.89 -0.39 -13.35
CA TYR B 112 21.70 -0.99 -13.88
C TYR B 112 20.60 -0.80 -12.85
N ALA B 113 19.48 -0.14 -13.26
CA ALA B 113 18.28 0.09 -12.46
C ALA B 113 17.27 -0.95 -12.94
N VAL B 114 16.91 -1.88 -12.04
CA VAL B 114 16.10 -3.03 -12.37
C VAL B 114 14.70 -2.98 -11.79
N GLY B 115 13.69 -3.06 -12.66
CA GLY B 115 12.30 -3.08 -12.23
C GLY B 115 11.83 -1.92 -11.37
N GLY B 116 11.21 -2.24 -10.24
CA GLY B 116 10.62 -1.22 -9.39
C GLY B 116 9.19 -0.94 -9.80
N SER B 117 8.49 -0.08 -9.06
CA SER B 117 7.11 0.25 -9.38
C SER B 117 6.91 1.73 -9.60
N HIS B 118 5.88 2.07 -10.37
CA HIS B 118 5.46 3.43 -10.58
C HIS B 118 3.95 3.35 -10.49
N GLY B 119 3.41 3.68 -9.31
CA GLY B 119 2.00 3.59 -9.06
C GLY B 119 1.59 2.14 -9.06
N CYS B 120 0.63 1.78 -9.92
CA CYS B 120 0.21 0.39 -10.06
C CYS B 120 0.97 -0.34 -11.19
N ILE B 121 2.02 0.28 -11.75
CA ILE B 121 2.77 -0.31 -12.85
C ILE B 121 3.98 -0.96 -12.24
N HIS B 122 4.13 -2.26 -12.42
CA HIS B 122 5.27 -3.02 -11.94
C HIS B 122 6.12 -3.18 -13.14
N HIS B 123 7.31 -2.59 -13.11
CA HIS B 123 8.21 -2.63 -14.25
C HIS B 123 8.97 -3.94 -14.47
N ASN B 124 9.00 -4.41 -15.70
CA ASN B 124 9.94 -5.45 -16.11
C ASN B 124 11.16 -4.74 -16.82
N SER B 125 11.05 -3.43 -17.16
CA SER B 125 12.10 -2.67 -17.83
C SER B 125 13.34 -2.50 -16.97
N VAL B 126 14.47 -2.39 -17.65
CA VAL B 126 15.77 -2.24 -17.06
C VAL B 126 16.50 -1.15 -17.84
N GLU B 127 17.20 -0.24 -17.14
CA GLU B 127 17.98 0.78 -17.81
C GLU B 127 19.39 0.88 -17.21
N ARG B 128 20.31 1.41 -17.99
CA ARG B 128 21.70 1.51 -17.64
C ARG B 128 22.18 2.95 -17.68
N TYR B 129 22.90 3.36 -16.63
CA TYR B 129 23.42 4.70 -16.53
C TYR B 129 24.91 4.70 -16.80
N GLU B 130 25.35 5.64 -17.63
CA GLU B 130 26.75 5.85 -17.96
C GLU B 130 27.20 7.16 -17.28
N PRO B 131 27.95 7.07 -16.15
CA PRO B 131 28.41 8.28 -15.48
C PRO B 131 29.25 9.24 -16.31
N GLU B 132 30.07 8.72 -17.22
CA GLU B 132 30.91 9.55 -18.07
C GLU B 132 30.07 10.45 -19.01
N ARG B 133 28.90 9.98 -19.44
CA ARG B 133 28.04 10.74 -20.33
C ARG B 133 26.84 11.39 -19.63
N ASP B 134 26.55 10.98 -18.37
CA ASP B 134 25.38 11.39 -17.57
C ASP B 134 24.09 11.05 -18.33
N GLU B 135 23.99 9.81 -18.81
CA GLU B 135 22.83 9.37 -19.61
C GLU B 135 22.31 8.03 -19.17
N TRP B 136 21.00 7.82 -19.30
CA TRP B 136 20.35 6.53 -19.08
C TRP B 136 19.91 5.98 -20.45
N HIS B 137 19.97 4.67 -20.62
CA HIS B 137 19.51 4.02 -21.85
C HIS B 137 18.87 2.70 -21.46
N LEU B 138 17.73 2.37 -22.07
CA LEU B 138 17.06 1.12 -21.75
C LEU B 138 17.83 -0.06 -22.34
N VAL B 139 17.87 -1.16 -21.61
CA VAL B 139 18.44 -2.41 -22.13
C VAL B 139 17.28 -3.46 -22.26
N ALA B 140 17.53 -4.74 -22.56
CA ALA B 140 16.45 -5.73 -22.69
C ALA B 140 15.69 -5.86 -21.36
N PRO B 141 14.34 -5.85 -21.40
CA PRO B 141 13.58 -5.98 -20.15
C PRO B 141 13.67 -7.40 -19.61
N MET B 142 13.40 -7.56 -18.32
CA MET B 142 13.36 -8.87 -17.69
C MET B 142 12.22 -9.70 -18.26
N LEU B 143 12.31 -11.00 -18.06
CA LEU B 143 11.24 -11.92 -18.43
C LEU B 143 10.01 -11.72 -17.51
N THR B 144 10.22 -11.29 -16.26
CA THR B 144 9.15 -11.10 -15.28
C THR B 144 9.16 -9.67 -14.74
N ARG B 145 7.98 -9.10 -14.47
CA ARG B 145 7.87 -7.79 -13.82
C ARG B 145 8.31 -7.99 -12.37
N ARG B 146 9.22 -7.15 -11.82
CA ARG B 146 9.67 -7.36 -10.44
C ARG B 146 9.84 -6.10 -9.69
N ILE B 147 9.15 -6.00 -8.56
CA ILE B 147 9.31 -4.87 -7.64
C ILE B 147 9.78 -5.50 -6.33
N GLY B 148 10.59 -4.79 -5.57
CA GLY B 148 11.21 -5.33 -4.37
C GLY B 148 12.18 -6.46 -4.71
N VAL B 149 12.83 -6.34 -5.88
CA VAL B 149 13.76 -7.29 -6.47
C VAL B 149 15.15 -7.11 -5.89
N GLY B 150 15.84 -8.23 -5.65
CA GLY B 150 17.21 -8.21 -5.18
C GLY B 150 18.12 -8.35 -6.38
N VAL B 151 19.19 -7.56 -6.44
CA VAL B 151 20.08 -7.58 -7.60
C VAL B 151 21.51 -7.84 -7.16
N ALA B 152 22.23 -8.68 -7.89
CA ALA B 152 23.58 -9.04 -7.55
C ALA B 152 24.39 -9.20 -8.81
N VAL B 153 25.66 -8.75 -8.79
CA VAL B 153 26.51 -8.89 -9.96
C VAL B 153 27.50 -10.00 -9.68
N LEU B 154 27.51 -11.04 -10.52
CA LEU B 154 28.39 -12.17 -10.33
C LEU B 154 28.88 -12.61 -11.69
N ASN B 155 30.20 -12.81 -11.86
CA ASN B 155 30.75 -13.24 -13.14
C ASN B 155 30.39 -12.31 -14.30
N ARG B 156 30.27 -11.00 -14.01
CA ARG B 156 29.90 -9.97 -15.00
C ARG B 156 28.50 -10.17 -15.60
N LEU B 157 27.62 -10.84 -14.84
CA LEU B 157 26.23 -11.07 -15.15
C LEU B 157 25.44 -10.38 -14.05
N LEU B 158 24.24 -9.93 -14.39
CA LEU B 158 23.39 -9.24 -13.45
C LEU B 158 22.24 -10.15 -13.09
N TYR B 159 22.11 -10.52 -11.82
CA TYR B 159 21.04 -11.42 -11.38
C TYR B 159 19.89 -10.64 -10.73
N ALA B 160 18.64 -10.92 -11.11
CA ALA B 160 17.44 -10.32 -10.55
C ALA B 160 16.78 -11.46 -9.81
N VAL B 161 16.66 -11.33 -8.48
CA VAL B 161 16.19 -12.39 -7.60
C VAL B 161 14.91 -12.03 -6.84
N GLY B 162 13.91 -12.87 -6.95
CA GLY B 162 12.66 -12.66 -6.24
C GLY B 162 11.91 -11.41 -6.63
N GLY B 163 11.15 -10.88 -5.66
CA GLY B 163 10.33 -9.70 -5.86
C GLY B 163 8.84 -9.98 -5.91
N PHE B 164 8.12 -9.09 -6.54
CA PHE B 164 6.69 -9.14 -6.65
C PHE B 164 6.30 -8.73 -8.08
N ASP B 165 5.57 -9.57 -8.81
CA ASP B 165 5.21 -9.29 -10.19
C ASP B 165 3.91 -8.51 -10.38
N GLY B 166 3.25 -8.17 -9.28
CA GLY B 166 1.95 -7.50 -9.29
C GLY B 166 0.79 -8.41 -8.93
N THR B 167 1.02 -9.72 -8.95
CA THR B 167 -0.01 -10.71 -8.60
C THR B 167 0.54 -11.64 -7.50
N ASN B 168 1.79 -12.09 -7.66
CA ASN B 168 2.39 -13.04 -6.76
C ASN B 168 3.76 -12.61 -6.37
N ARG B 169 4.12 -12.88 -5.10
CA ARG B 169 5.48 -12.68 -4.65
C ARG B 169 6.28 -13.86 -5.26
N LEU B 170 7.54 -13.63 -5.59
CA LEU B 170 8.32 -14.57 -6.38
C LEU B 170 9.45 -15.29 -5.70
N ASN B 171 9.65 -16.55 -6.09
CA ASN B 171 10.84 -17.29 -5.69
C ASN B 171 11.80 -17.43 -6.92
N SER B 172 11.31 -17.11 -8.15
CA SER B 172 12.08 -17.15 -9.37
C SER B 172 13.22 -16.12 -9.40
N ALA B 173 14.22 -16.38 -10.24
CA ALA B 173 15.36 -15.53 -10.44
C ALA B 173 15.82 -15.62 -11.88
N GLU B 174 16.36 -14.54 -12.40
CA GLU B 174 16.84 -14.51 -13.79
C GLU B 174 18.17 -13.79 -13.89
N CYS B 175 18.84 -14.02 -15.00
CA CYS B 175 20.19 -13.59 -15.23
C CYS B 175 20.29 -12.76 -16.50
N TYR B 176 20.98 -11.64 -16.47
CA TYR B 176 21.17 -10.78 -17.63
C TYR B 176 22.60 -10.91 -18.12
N TYR B 177 22.74 -11.06 -19.42
CA TYR B 177 24.02 -11.19 -20.11
C TYR B 177 24.29 -9.88 -20.84
N PRO B 178 25.08 -8.97 -20.26
CA PRO B 178 25.29 -7.66 -20.91
C PRO B 178 25.81 -7.70 -22.34
N GLU B 179 26.72 -8.62 -22.64
CA GLU B 179 27.26 -8.75 -23.98
C GLU B 179 26.23 -9.20 -24.99
N ARG B 180 25.31 -10.08 -24.58
CA ARG B 180 24.29 -10.57 -25.51
C ARG B 180 22.99 -9.76 -25.48
N ASN B 181 22.80 -8.90 -24.45
CA ASN B 181 21.62 -8.10 -24.18
C ASN B 181 20.41 -9.01 -24.07
N GLU B 182 20.46 -9.95 -23.12
CA GLU B 182 19.37 -10.90 -22.96
C GLU B 182 19.28 -11.50 -21.57
N TRP B 183 18.05 -11.87 -21.19
CA TRP B 183 17.76 -12.45 -19.88
C TRP B 183 17.47 -13.92 -20.00
N ARG B 184 17.82 -14.70 -18.98
CA ARG B 184 17.57 -16.14 -18.93
C ARG B 184 17.13 -16.52 -17.51
N MET B 185 16.13 -17.41 -17.38
CA MET B 185 15.71 -17.84 -16.04
C MET B 185 16.80 -18.75 -15.45
N ILE B 186 17.08 -18.62 -14.17
CA ILE B 186 18.01 -19.50 -13.48
C ILE B 186 17.20 -20.36 -12.45
N THR B 187 17.86 -21.21 -11.64
CA THR B 187 17.17 -22.01 -10.62
C THR B 187 16.45 -21.09 -9.62
N ALA B 188 15.17 -21.36 -9.36
CA ALA B 188 14.39 -20.58 -8.42
C ALA B 188 14.82 -20.92 -6.98
N MET B 189 14.67 -19.96 -6.08
CA MET B 189 14.99 -20.12 -4.68
C MET B 189 14.06 -21.12 -4.02
N ASN B 190 14.46 -21.63 -2.85
CA ASN B 190 13.59 -22.51 -2.08
C ASN B 190 12.43 -21.72 -1.44
N THR B 191 12.59 -20.42 -1.22
CA THR B 191 11.56 -19.62 -0.57
C THR B 191 11.14 -18.44 -1.46
N ILE B 192 9.84 -18.09 -1.43
CA ILE B 192 9.33 -16.90 -2.09
C ILE B 192 9.85 -15.73 -1.27
N ARG B 193 10.52 -14.75 -1.90
CA ARG B 193 11.06 -13.60 -1.19
C ARG B 193 10.82 -12.35 -1.99
N SER B 194 10.22 -11.37 -1.36
CA SER B 194 10.02 -10.02 -1.89
C SER B 194 10.67 -9.10 -0.83
N GLY B 195 11.43 -8.09 -1.22
CA GLY B 195 12.08 -7.21 -0.24
C GLY B 195 13.20 -7.89 0.54
N ALA B 196 13.88 -8.86 -0.09
CA ALA B 196 15.02 -9.52 0.54
C ALA B 196 16.32 -8.72 0.30
N GLY B 197 17.34 -8.99 1.10
CA GLY B 197 18.66 -8.40 0.89
C GLY B 197 19.44 -9.37 0.02
N VAL B 198 19.82 -8.96 -1.21
CA VAL B 198 20.57 -9.84 -2.11
C VAL B 198 21.94 -9.26 -2.32
N CYS B 199 22.98 -10.08 -2.20
CA CYS B 199 24.35 -9.62 -2.37
C CYS B 199 25.24 -10.79 -2.82
N VAL B 200 26.54 -10.53 -3.14
CA VAL B 200 27.42 -11.63 -3.51
C VAL B 200 28.64 -11.63 -2.58
N LEU B 201 29.03 -12.83 -2.15
CA LEU B 201 30.17 -13.03 -1.29
C LEU B 201 30.82 -14.35 -1.67
N HIS B 202 32.12 -14.32 -1.93
CA HIS B 202 32.90 -15.50 -2.30
C HIS B 202 32.26 -16.34 -3.42
N ASN B 203 31.87 -15.67 -4.54
CA ASN B 203 31.33 -16.34 -5.72
C ASN B 203 29.94 -17.01 -5.51
N CYS B 204 29.19 -16.57 -4.49
CA CYS B 204 27.86 -17.06 -4.17
C CYS B 204 26.90 -15.89 -4.06
N ILE B 205 25.65 -16.07 -4.47
CA ILE B 205 24.65 -15.03 -4.32
C ILE B 205 23.87 -15.37 -3.07
N TYR B 206 23.76 -14.44 -2.12
CA TYR B 206 23.00 -14.68 -0.90
C TYR B 206 21.69 -13.92 -0.97
N ALA B 207 20.60 -14.54 -0.53
CA ALA B 207 19.29 -13.90 -0.43
C ALA B 207 18.87 -14.04 1.04
N ALA B 208 18.82 -12.92 1.76
CA ALA B 208 18.52 -12.91 3.18
C ALA B 208 17.23 -12.17 3.48
N GLY B 209 16.37 -12.74 4.32
CA GLY B 209 15.13 -12.07 4.71
C GLY B 209 14.12 -11.93 3.60
N GLY B 210 13.15 -11.07 3.80
CA GLY B 210 12.10 -10.86 2.82
C GLY B 210 10.69 -11.05 3.35
N TYR B 211 9.71 -10.87 2.47
CA TYR B 211 8.29 -10.94 2.69
C TYR B 211 7.77 -12.04 1.77
N ASP B 212 7.44 -13.22 2.31
CA ASP B 212 6.95 -14.34 1.50
C ASP B 212 5.42 -14.36 1.27
N GLY B 213 4.72 -13.30 1.67
CA GLY B 213 3.27 -13.25 1.51
C GLY B 213 2.54 -13.32 2.84
N GLN B 214 2.52 -12.15 3.54
CA GLN B 214 1.91 -11.89 4.85
C GLN B 214 2.93 -12.11 6.02
N ASP B 215 4.07 -12.80 5.76
CA ASP B 215 5.11 -13.17 6.75
C ASP B 215 6.51 -12.58 6.41
N GLN B 216 7.33 -12.22 7.44
CA GLN B 216 8.70 -11.72 7.23
C GLN B 216 9.68 -12.84 7.61
N LEU B 217 10.69 -13.07 6.79
CA LEU B 217 11.62 -14.17 7.01
C LEU B 217 12.90 -13.80 7.70
N ASN B 218 13.45 -14.78 8.42
CA ASN B 218 14.79 -14.69 8.97
C ASN B 218 15.74 -15.68 8.25
N SER B 219 15.22 -16.57 7.39
CA SER B 219 16.03 -17.54 6.66
C SER B 219 16.89 -16.86 5.60
N VAL B 220 18.03 -17.49 5.30
CA VAL B 220 19.01 -16.99 4.35
C VAL B 220 19.43 -18.18 3.47
N GLU B 221 19.46 -17.99 2.16
CA GLU B 221 19.91 -19.03 1.25
C GLU B 221 20.95 -18.51 0.25
N ARG B 222 21.85 -19.38 -0.25
CA ARG B 222 22.85 -18.96 -1.21
C ARG B 222 22.87 -19.81 -2.46
N TYR B 223 23.15 -19.18 -3.60
CA TYR B 223 23.18 -19.82 -4.89
C TYR B 223 24.61 -20.15 -5.28
N ASP B 224 24.91 -21.43 -5.46
CA ASP B 224 26.23 -21.86 -5.92
C ASP B 224 26.12 -21.96 -7.45
N VAL B 225 26.91 -21.16 -8.17
CA VAL B 225 26.85 -21.12 -9.63
C VAL B 225 27.32 -22.46 -10.24
N ALA B 226 28.34 -23.10 -9.65
CA ALA B 226 28.83 -24.36 -10.19
C ALA B 226 27.79 -25.45 -10.18
N THR B 227 27.02 -25.58 -9.08
CA THR B 227 25.99 -26.62 -8.99
C THR B 227 24.58 -26.14 -9.32
N ALA B 228 24.39 -24.84 -9.54
CA ALA B 228 23.10 -24.20 -9.82
C ALA B 228 22.02 -24.57 -8.80
N THR B 229 22.42 -24.64 -7.52
CA THR B 229 21.48 -24.95 -6.44
C THR B 229 21.48 -23.84 -5.40
N TRP B 230 20.36 -23.69 -4.70
CA TRP B 230 20.21 -22.75 -3.61
C TRP B 230 20.24 -23.58 -2.33
N THR B 231 21.01 -23.16 -1.34
CA THR B 231 21.12 -23.90 -0.08
C THR B 231 20.94 -22.97 1.08
N PHE B 232 20.17 -23.39 2.09
CA PHE B 232 19.98 -22.58 3.28
C PHE B 232 21.23 -22.58 4.13
N VAL B 233 21.58 -21.41 4.65
CA VAL B 233 22.69 -21.24 5.59
C VAL B 233 22.03 -20.78 6.94
N ALA B 234 22.83 -20.44 7.98
CA ALA B 234 22.29 -19.98 9.25
C ALA B 234 21.34 -18.79 9.08
N PRO B 235 20.17 -18.85 9.75
CA PRO B 235 19.23 -17.74 9.65
C PRO B 235 19.64 -16.56 10.54
N MET B 236 19.12 -15.36 10.22
CA MET B 236 19.40 -14.17 11.02
C MET B 236 18.69 -14.28 12.37
N LYS B 237 19.18 -13.53 13.36
CA LYS B 237 18.54 -13.48 14.66
C LYS B 237 17.15 -12.80 14.53
N HIS B 238 17.00 -11.82 13.63
CA HIS B 238 15.72 -11.14 13.46
C HIS B 238 15.09 -11.33 12.10
N ARG B 239 13.78 -11.60 12.07
CA ARG B 239 13.03 -11.69 10.80
C ARG B 239 12.98 -10.26 10.26
N ARG B 240 13.26 -10.07 8.96
CA ARG B 240 13.27 -8.73 8.40
C ARG B 240 13.01 -8.68 6.93
N SER B 241 12.18 -7.72 6.51
CA SER B 241 11.88 -7.41 5.10
C SER B 241 12.30 -5.93 4.87
N ALA B 242 12.54 -5.54 3.60
CA ALA B 242 13.01 -4.18 3.29
C ALA B 242 14.26 -3.82 4.10
N LEU B 243 15.19 -4.76 4.14
CA LEU B 243 16.45 -4.60 4.83
C LEU B 243 17.50 -4.09 3.85
N GLY B 244 18.51 -3.42 4.38
CA GLY B 244 19.66 -2.98 3.61
C GLY B 244 20.71 -4.08 3.70
N ILE B 245 21.53 -4.27 2.67
CA ILE B 245 22.55 -5.30 2.68
C ILE B 245 23.78 -4.86 1.92
N THR B 246 24.93 -5.25 2.43
CA THR B 246 26.20 -4.99 1.77
C THR B 246 27.26 -5.99 2.25
N VAL B 247 28.41 -6.04 1.56
CA VAL B 247 29.51 -6.90 1.94
C VAL B 247 30.71 -6.02 2.27
N HIS B 248 31.44 -6.36 3.33
CA HIS B 248 32.59 -5.60 3.77
C HIS B 248 33.56 -6.56 4.38
N GLN B 249 34.80 -6.57 3.89
CA GLN B 249 35.86 -7.42 4.38
C GLN B 249 35.45 -8.88 4.59
N GLY B 250 34.82 -9.44 3.57
CA GLY B 250 34.40 -10.84 3.59
C GLY B 250 33.24 -11.21 4.48
N ARG B 251 32.46 -10.22 4.94
CA ARG B 251 31.29 -10.47 5.78
C ARG B 251 30.08 -9.74 5.23
N ILE B 252 28.88 -10.30 5.45
CA ILE B 252 27.63 -9.67 5.01
C ILE B 252 27.07 -8.83 6.15
N TYR B 253 26.61 -7.62 5.87
CA TYR B 253 25.97 -6.79 6.87
C TYR B 253 24.53 -6.54 6.43
N VAL B 254 23.58 -6.79 7.32
CA VAL B 254 22.17 -6.52 7.07
C VAL B 254 21.76 -5.42 8.02
N LEU B 255 21.15 -4.36 7.49
CA LEU B 255 20.80 -3.18 8.27
C LEU B 255 19.31 -2.91 8.26
N GLY B 256 18.75 -2.80 9.46
CA GLY B 256 17.36 -2.44 9.62
C GLY B 256 16.38 -3.37 8.94
N GLY B 257 15.27 -2.80 8.55
CA GLY B 257 14.19 -3.58 7.95
C GLY B 257 12.96 -3.55 8.83
N TYR B 258 11.97 -4.34 8.48
CA TYR B 258 10.71 -4.40 9.20
C TYR B 258 10.47 -5.83 9.64
N ASP B 259 10.10 -6.06 10.90
CA ASP B 259 9.88 -7.44 11.36
C ASP B 259 8.41 -7.82 11.54
N GLY B 260 7.50 -7.00 11.02
CA GLY B 260 6.07 -7.22 11.15
C GLY B 260 5.45 -6.34 12.22
N HIS B 261 6.27 -5.77 13.10
CA HIS B 261 5.77 -4.95 14.18
C HIS B 261 6.60 -3.68 14.35
N THR B 262 7.91 -3.77 14.15
CA THR B 262 8.88 -2.71 14.40
C THR B 262 9.81 -2.45 13.23
N PHE B 263 10.23 -1.18 13.07
CA PHE B 263 11.21 -0.81 12.08
C PHE B 263 12.50 -0.96 12.87
N LEU B 264 13.30 -1.96 12.50
CA LEU B 264 14.53 -2.33 13.17
C LEU B 264 15.72 -1.36 13.05
N ASP B 265 16.43 -1.22 14.16
CA ASP B 265 17.70 -0.51 14.19
C ASP B 265 18.88 -1.52 14.15
N SER B 266 18.62 -2.81 14.37
CA SER B 266 19.57 -3.90 14.40
C SER B 266 20.42 -4.03 13.14
N VAL B 267 21.73 -4.16 13.33
CA VAL B 267 22.65 -4.42 12.25
C VAL B 267 23.32 -5.75 12.56
N GLU B 268 23.10 -6.77 11.72
CA GLU B 268 23.69 -8.09 11.91
C GLU B 268 24.79 -8.33 10.89
N CYS B 269 25.74 -9.19 11.26
CA CYS B 269 26.89 -9.51 10.46
C CYS B 269 27.04 -11.02 10.29
N TYR B 270 27.16 -11.50 9.06
CA TYR B 270 27.33 -12.93 8.78
C TYR B 270 28.79 -13.26 8.48
N ASP B 271 29.36 -14.25 9.19
CA ASP B 271 30.71 -14.73 8.94
C ASP B 271 30.58 -16.07 8.22
N PRO B 272 30.99 -16.12 6.94
CA PRO B 272 30.83 -17.36 6.18
C PRO B 272 31.71 -18.51 6.65
N ASP B 273 32.86 -18.21 7.29
CA ASP B 273 33.77 -19.25 7.77
C ASP B 273 33.19 -20.04 8.94
N THR B 274 32.45 -19.36 9.81
CA THR B 274 31.81 -20.01 10.97
C THR B 274 30.30 -20.27 10.76
N ASP B 275 29.70 -19.74 9.66
CA ASP B 275 28.27 -19.86 9.37
C ASP B 275 27.44 -19.32 10.55
N THR B 276 27.78 -18.11 11.02
CA THR B 276 27.07 -17.51 12.15
C THR B 276 26.78 -16.04 11.89
N TRP B 277 25.70 -15.56 12.50
CA TRP B 277 25.31 -14.17 12.47
C TRP B 277 25.52 -13.57 13.87
N SER B 278 25.77 -12.27 13.95
CA SER B 278 25.93 -11.59 15.25
C SER B 278 25.56 -10.13 15.15
N GLU B 279 25.00 -9.58 16.21
CA GLU B 279 24.63 -8.17 16.24
C GLU B 279 25.92 -7.38 16.41
N VAL B 280 26.21 -6.44 15.50
CA VAL B 280 27.46 -5.71 15.58
C VAL B 280 27.29 -4.27 16.02
N THR B 281 26.16 -3.66 15.71
CA THR B 281 25.86 -2.27 16.05
C THR B 281 24.35 -2.03 15.86
N ARG B 282 23.88 -0.86 16.25
CA ARG B 282 22.52 -0.44 16.00
C ARG B 282 22.63 0.85 15.23
N MET B 283 21.70 1.09 14.31
CA MET B 283 21.62 2.37 13.62
C MET B 283 21.15 3.41 14.65
N THR B 284 21.36 4.71 14.36
CA THR B 284 20.94 5.75 15.31
C THR B 284 19.42 5.70 15.60
N SER B 285 18.63 5.17 14.65
CA SER B 285 17.20 4.96 14.79
C SER B 285 16.73 3.86 13.83
N GLY B 286 15.65 3.20 14.19
CA GLY B 286 15.09 2.13 13.37
C GLY B 286 14.49 2.67 12.08
N ARG B 287 14.66 1.91 11.00
CA ARG B 287 14.16 2.29 9.69
C ARG B 287 14.20 1.08 8.73
N SER B 288 13.38 1.13 7.68
CA SER B 288 13.39 0.10 6.65
C SER B 288 13.56 0.79 5.28
N GLY B 289 13.75 0.02 4.23
CA GLY B 289 13.85 0.55 2.89
C GLY B 289 14.99 1.50 2.60
N VAL B 290 16.13 1.29 3.28
CA VAL B 290 17.33 2.11 3.07
C VAL B 290 18.09 1.65 1.83
N GLY B 291 18.96 2.52 1.30
CA GLY B 291 19.88 2.18 0.22
C GLY B 291 21.24 2.05 0.87
N VAL B 292 21.98 0.95 0.61
CA VAL B 292 23.27 0.73 1.27
C VAL B 292 24.38 0.53 0.27
N ALA B 293 25.61 1.03 0.56
CA ALA B 293 26.78 0.85 -0.30
C ALA B 293 28.05 1.00 0.51
N VAL B 294 29.19 0.46 0.02
CA VAL B 294 30.48 0.57 0.70
C VAL B 294 31.48 1.30 -0.17
N THR B 295 32.17 2.28 0.39
CA THR B 295 33.27 3.01 -0.25
C THR B 295 34.18 3.63 0.80
C1 9P0 C . -1.58 9.85 0.94
C3 9P0 C . -2.82 9.30 2.99
O5 9P0 C . -3.87 9.77 -0.44
C8 9P0 C . -6.47 9.50 0.44
C10 9P0 C . -7.99 7.11 -0.19
C11 9P0 C . -9.29 6.35 -0.10
C12 9P0 C . -9.56 5.32 0.85
C13 9P0 C . -10.81 4.69 0.86
C14 9P0 C . -11.80 5.08 -0.04
C15 9P0 C . -11.57 6.07 -0.98
C16 9P0 C . -10.33 6.71 -1.00
C19 9P0 C . -10.58 9.84 -3.12
C20 9P0 C . -9.80 9.47 -4.21
C21 9P0 C . -9.21 8.22 -4.24
C22 9P0 C . -9.41 7.34 -3.17
O28 9P0 C . -7.55 5.47 2.21
C30 9P0 C . -5.12 5.46 2.51
C33 9P0 C . -3.11 5.32 1.12
C35 9P0 C . -2.59 4.75 -0.16
N2 9P0 C . -2.84 9.57 1.56
C4 9P0 C . -3.96 9.54 0.75
C6 9P0 C . -5.29 9.14 1.37
S9 9P0 C . -8.04 8.62 0.82
C17 9P0 C . -10.17 7.71 -2.06
C18 9P0 C . -10.77 8.97 -2.03
C23 9P0 C . -9.54 10.36 -5.37
O24 9P0 C . -10.38 10.95 -6.03
O25 9P0 C . -8.19 10.40 -5.58
C26 9P0 C . -8.65 4.74 1.87
O27 9P0 C . -8.89 3.66 2.36
C29 9P0 C . -6.43 4.71 2.71
N32 9P0 C . -4.45 5.07 1.27
O34 9P0 C . -2.39 5.92 1.91
C37 9P0 C . -1.53 3.71 0.23
C38 9P0 C . -0.50 3.89 -0.88
C39 9P0 C . -0.45 5.40 -1.03
N40 9P0 C . -1.85 5.83 -0.80
C41 9P0 C . -2.52 6.62 -1.72
O42 9P0 C . -3.72 6.51 -1.98
C43 9P0 C . -1.67 7.66 -2.40
C44 9P0 C . -5.41 6.96 2.59
O45 9P0 C . -5.91 7.44 3.58
N46 9P0 C . -5.12 7.72 1.45
CL CL D . -6.03 2.86 -0.43
#